data_8TLP
#
_entry.id   8TLP
#
_cell.length_a   54.379
_cell.length_b   55.025
_cell.length_c   146.534
_cell.angle_alpha   90.00
_cell.angle_beta   90.00
_cell.angle_gamma   90.00
#
_symmetry.space_group_name_H-M   'P 21 21 21'
#
loop_
_entity.id
_entity.type
_entity.pdbx_description
1 polymer 'D_3_633_8x, no peptide'
2 non-polymer 'SULFATE ION'
3 water water
#
_entity_poly.entity_id   1
_entity_poly.type   'polypeptide(L)'
_entity_poly.pdbx_seq_one_letter_code
;GHHHHHHGSGSGENLYFQSGSGSSPELDELWKRVKKLVTELLEQAERAGDPEEIFKLLEVAAALVFLAEMFLRLAAIQEK
ATDPEIQELAERVLRLIKRLLEEAERAGDPRRIRELVEVASQLAFLLELFYRLKEIQERATDPEIQELAERVLRLIKKLL
KAAEEAGDPRKIHKLVFVAIVLLFLLQTFYRLKEIQEKATDPEIQRKAQEVLEKIKRLLEAAERAGDPAKILLYVIRALL
LAMELKFAYRKR
;
_entity_poly.pdbx_strand_id   A,B
#
# COMPACT_ATOMS: atom_id res chain seq x y z
N PRO A 25 0.52 22.91 10.43
CA PRO A 25 1.03 22.92 11.81
C PRO A 25 1.67 21.58 12.22
N GLU A 26 0.85 20.62 12.64
CA GLU A 26 1.38 19.30 12.99
C GLU A 26 2.07 18.64 11.80
N LEU A 27 1.62 18.93 10.58
CA LEU A 27 2.26 18.33 9.40
C LEU A 27 3.70 18.83 9.25
N ASP A 28 3.91 20.14 9.38
CA ASP A 28 5.22 20.69 9.09
C ASP A 28 6.24 20.42 10.20
N GLU A 29 5.80 19.97 11.37
CA GLU A 29 6.73 19.47 12.37
C GLU A 29 6.95 17.96 12.29
N LEU A 30 5.98 17.22 11.75
CA LEU A 30 6.24 15.82 11.43
C LEU A 30 7.10 15.66 10.18
N TRP A 31 6.98 16.59 9.24
CA TRP A 31 7.82 16.54 8.04
C TRP A 31 9.25 16.94 8.35
N LYS A 32 9.44 17.90 9.28
CA LYS A 32 10.78 18.23 9.73
C LYS A 32 11.46 17.00 10.34
N ARG A 33 10.76 16.29 11.22
CA ARG A 33 11.33 15.08 11.79
C ARG A 33 11.60 14.02 10.71
N VAL A 34 10.68 13.84 9.76
CA VAL A 34 10.90 12.85 8.70
C VAL A 34 12.07 13.28 7.83
N LYS A 35 12.15 14.57 7.49
CA LYS A 35 13.27 15.10 6.73
C LYS A 35 14.59 14.76 7.41
N LYS A 36 14.70 15.04 8.71
CA LYS A 36 15.95 14.78 9.42
C LYS A 36 16.34 13.31 9.37
N LEU A 37 15.40 12.42 9.68
CA LEU A 37 15.72 11.00 9.71
C LEU A 37 16.08 10.47 8.32
N VAL A 38 15.42 10.97 7.27
CA VAL A 38 15.73 10.48 5.93
C VAL A 38 17.16 10.84 5.56
N THR A 39 17.56 12.11 5.77
CA THR A 39 18.90 12.51 5.35
C THR A 39 19.96 11.78 6.15
N GLU A 40 19.70 11.48 7.43
CA GLU A 40 20.67 10.70 8.20
C GLU A 40 20.80 9.29 7.63
N LEU A 41 19.69 8.72 7.15
CA LEU A 41 19.77 7.40 6.56
C LEU A 41 20.42 7.46 5.18
N LEU A 42 20.17 8.54 4.43
CA LEU A 42 20.82 8.70 3.13
C LEU A 42 22.34 8.85 3.29
N GLU A 43 22.75 9.65 4.28
CA GLU A 43 24.17 9.79 4.57
C GLU A 43 24.79 8.47 4.96
N GLN A 44 24.15 7.74 5.88
CA GLN A 44 24.67 6.43 6.29
C GLN A 44 24.73 5.47 5.12
N ALA A 45 23.76 5.55 4.20
CA ALA A 45 23.78 4.68 3.03
C ALA A 45 24.80 5.16 2.01
N GLU A 46 25.09 6.47 1.97
CA GLU A 46 26.09 6.99 1.05
C GLU A 46 27.50 6.72 1.54
N ARG A 47 27.69 6.52 2.84
CA ARG A 47 28.99 6.10 3.38
C ARG A 47 29.24 4.64 2.98
N ALA A 48 30.35 4.10 3.49
CA ALA A 48 30.73 2.74 3.16
C ALA A 48 29.70 1.74 3.67
N GLY A 49 29.60 0.60 2.99
CA GLY A 49 28.75 -0.47 3.45
C GLY A 49 28.55 -1.57 2.43
N ASP A 50 28.12 -2.74 2.88
CA ASP A 50 27.77 -3.77 1.92
C ASP A 50 26.43 -3.46 1.27
N PRO A 51 26.11 -4.14 0.16
CA PRO A 51 24.80 -3.88 -0.48
C PRO A 51 23.62 -4.16 0.42
N GLU A 52 23.64 -5.28 1.15
CA GLU A 52 22.46 -5.62 1.95
C GLU A 52 22.24 -4.61 3.07
N GLU A 53 23.31 -4.06 3.64
CA GLU A 53 23.15 -3.05 4.68
C GLU A 53 22.71 -1.72 4.11
N ILE A 54 23.24 -1.33 2.94
CA ILE A 54 22.79 -0.07 2.32
C ILE A 54 21.33 -0.18 1.89
N PHE A 55 20.95 -1.33 1.33
CA PHE A 55 19.58 -1.48 0.85
C PHE A 55 18.59 -1.45 2.00
N LYS A 56 18.96 -2.01 3.15
CA LYS A 56 18.05 -1.99 4.28
C LYS A 56 17.91 -0.60 4.85
N LEU A 57 19.00 0.17 4.88
CA LEU A 57 18.89 1.57 5.25
C LEU A 57 17.98 2.32 4.29
N LEU A 58 18.12 2.04 2.98
CA LEU A 58 17.34 2.75 1.97
C LEU A 58 15.87 2.34 1.99
N GLU A 59 15.58 1.08 2.36
CA GLU A 59 14.20 0.67 2.59
C GLU A 59 13.56 1.47 3.72
N VAL A 60 14.34 1.84 4.74
CA VAL A 60 13.83 2.66 5.82
C VAL A 60 13.60 4.10 5.33
N ALA A 61 14.56 4.68 4.62
CA ALA A 61 14.34 6.04 4.10
C ALA A 61 13.14 6.09 3.16
N ALA A 62 12.97 5.06 2.32
CA ALA A 62 11.83 5.01 1.41
C ALA A 62 10.52 4.97 2.16
N ALA A 63 10.41 4.08 3.15
CA ALA A 63 9.23 4.03 3.99
C ALA A 63 8.96 5.37 4.68
N LEU A 64 10.02 6.10 5.04
CA LEU A 64 9.84 7.42 5.63
C LEU A 64 9.24 8.41 4.63
N VAL A 65 9.66 8.34 3.36
CA VAL A 65 9.10 9.20 2.33
C VAL A 65 7.63 8.83 2.05
N PHE A 66 7.31 7.53 2.06
CA PHE A 66 5.92 7.11 1.96
C PHE A 66 5.10 7.70 3.09
N LEU A 67 5.66 7.72 4.30
CA LEU A 67 5.02 8.35 5.45
C LEU A 67 4.63 9.78 5.14
N ALA A 68 5.61 10.58 4.68
CA ALA A 68 5.33 11.95 4.31
C ALA A 68 4.24 12.04 3.23
N GLU A 69 4.21 11.10 2.29
CA GLU A 69 3.14 11.11 1.30
C GLU A 69 1.79 10.87 1.95
N MET A 70 1.75 10.03 2.98
CA MET A 70 0.50 9.82 3.70
C MET A 70 0.06 11.06 4.45
N PHE A 71 1.01 11.84 4.98
CA PHE A 71 0.68 13.07 5.69
C PHE A 71 -0.10 14.04 4.80
N LEU A 72 0.16 13.99 3.50
CA LEU A 72 -0.55 14.86 2.58
C LEU A 72 -2.03 14.52 2.51
N ARG A 73 -2.45 13.34 2.95
CA ARG A 73 -3.88 13.03 2.98
C ARG A 73 -4.63 13.79 4.07
N LEU A 74 -3.93 14.38 5.04
CA LEU A 74 -4.62 14.94 6.20
C LEU A 74 -5.40 16.19 5.84
N ALA A 75 -4.88 16.99 4.91
CA ALA A 75 -5.58 18.20 4.50
C ALA A 75 -6.99 17.85 4.04
N ALA A 76 -7.13 16.77 3.26
CA ALA A 76 -8.47 16.35 2.86
C ALA A 76 -9.22 15.73 4.04
N ILE A 77 -8.51 14.97 4.90
CA ILE A 77 -9.18 14.40 6.07
C ILE A 77 -9.64 15.50 7.01
N GLN A 78 -8.80 16.50 7.24
CA GLN A 78 -9.07 17.59 8.17
C GLN A 78 -10.01 18.65 7.60
N GLU A 79 -10.46 18.50 6.36
CA GLU A 79 -11.40 19.45 5.80
C GLU A 79 -12.80 19.25 6.40
N LYS A 80 -13.62 20.29 6.25
CA LYS A 80 -14.87 20.41 7.01
C LYS A 80 -15.88 19.34 6.64
N ALA A 81 -15.90 18.91 5.39
CA ALA A 81 -16.88 17.89 5.01
C ALA A 81 -16.58 16.51 5.60
N THR A 82 -15.37 16.27 6.12
CA THR A 82 -15.03 14.91 6.51
C THR A 82 -15.76 14.49 7.79
N ASP A 83 -16.17 13.23 7.83
CA ASP A 83 -16.82 12.68 8.99
C ASP A 83 -15.94 12.89 10.23
N PRO A 84 -16.50 13.41 11.32
CA PRO A 84 -15.65 13.73 12.49
C PRO A 84 -15.08 12.50 13.19
N GLU A 85 -15.72 11.33 13.08
CA GLU A 85 -15.10 10.14 13.66
C GLU A 85 -13.84 9.75 12.89
N ILE A 86 -13.83 9.91 11.57
CA ILE A 86 -12.62 9.67 10.80
C ILE A 86 -11.51 10.63 11.23
N GLN A 87 -11.83 11.92 11.33
CA GLN A 87 -10.83 12.91 11.74
C GLN A 87 -10.18 12.54 13.08
N GLU A 88 -10.96 12.05 14.04
CA GLU A 88 -10.40 11.75 15.36
C GLU A 88 -9.50 10.52 15.32
N LEU A 89 -9.85 9.53 14.51
CA LEU A 89 -8.97 8.38 14.34
C LEU A 89 -7.68 8.78 13.66
N ALA A 90 -7.75 9.58 12.60
CA ALA A 90 -6.54 10.03 11.93
C ALA A 90 -5.63 10.78 12.88
N GLU A 91 -6.20 11.56 13.80
CA GLU A 91 -5.37 12.28 14.77
C GLU A 91 -4.71 11.32 15.74
N ARG A 92 -5.44 10.30 16.20
CA ARG A 92 -4.81 9.27 17.01
C ARG A 92 -3.70 8.58 16.25
N VAL A 93 -3.89 8.37 14.94
CA VAL A 93 -2.87 7.71 14.14
C VAL A 93 -1.62 8.60 14.03
N LEU A 94 -1.81 9.90 13.85
CA LEU A 94 -0.67 10.81 13.75
C LEU A 94 0.12 10.90 15.05
N ARG A 95 -0.56 10.88 16.20
CA ARG A 95 0.15 10.89 17.47
C ARG A 95 1.01 9.67 17.60
N LEU A 96 0.44 8.50 17.26
CA LEU A 96 1.21 7.28 17.35
C LEU A 96 2.40 7.33 16.41
N ILE A 97 2.20 7.81 15.19
CA ILE A 97 3.31 7.97 14.25
C ILE A 97 4.38 8.90 14.85
N LYS A 98 3.96 10.03 15.40
CA LYS A 98 4.93 10.92 16.08
C LYS A 98 5.71 10.17 17.15
N ARG A 99 5.03 9.39 17.97
CA ARG A 99 5.70 8.68 19.06
C ARG A 99 6.75 7.72 18.53
N LEU A 100 6.43 6.96 17.47
CA LEU A 100 7.38 5.98 16.98
C LEU A 100 8.56 6.64 16.27
N LEU A 101 8.31 7.76 15.59
CA LEU A 101 9.42 8.47 14.94
C LEU A 101 10.40 8.99 15.98
N GLU A 102 9.89 9.66 17.03
CA GLU A 102 10.74 10.08 18.14
C GLU A 102 11.53 8.90 18.70
N GLU A 103 10.86 7.76 18.89
CA GLU A 103 11.59 6.59 19.33
C GLU A 103 12.63 6.16 18.31
N ALA A 104 12.33 6.30 17.00
CA ALA A 104 13.31 5.94 15.99
C ALA A 104 14.50 6.89 15.98
N GLU A 105 14.22 8.19 16.15
CA GLU A 105 15.25 9.22 16.15
C GLU A 105 16.26 9.06 17.28
N ARG A 106 15.91 8.37 18.37
CA ARG A 106 16.86 8.19 19.46
C ARG A 106 17.35 6.76 19.56
N ALA A 107 16.71 5.81 18.88
CA ALA A 107 17.26 4.48 18.77
C ALA A 107 18.56 4.49 17.96
N GLY A 108 19.43 3.54 18.25
CA GLY A 108 20.69 3.40 17.56
C GLY A 108 20.84 2.05 16.89
N ASP A 109 20.14 1.04 17.41
CA ASP A 109 20.14 -0.27 16.77
C ASP A 109 19.41 -0.18 15.43
N PRO A 110 20.05 -0.56 14.31
CA PRO A 110 19.38 -0.40 13.01
C PRO A 110 18.14 -1.26 12.86
N ARG A 111 18.13 -2.47 13.44
CA ARG A 111 16.93 -3.30 13.38
C ARG A 111 15.79 -2.69 14.17
N ARG A 112 16.13 -1.86 15.17
CA ARG A 112 15.10 -1.19 15.97
C ARG A 112 14.50 -0.03 15.20
N ILE A 113 15.35 0.76 14.53
CA ILE A 113 14.86 1.82 13.65
C ILE A 113 14.02 1.24 12.53
N ARG A 114 14.46 0.12 11.94
CA ARG A 114 13.72 -0.47 10.83
C ARG A 114 12.34 -0.93 11.29
N GLU A 115 12.28 -1.62 12.43
CA GLU A 115 10.99 -2.07 12.95
C GLU A 115 10.09 -0.91 13.37
N LEU A 116 10.67 0.18 13.90
CA LEU A 116 9.86 1.30 14.35
C LEU A 116 9.29 2.11 13.16
N VAL A 117 10.11 2.30 12.12
CA VAL A 117 9.64 2.96 10.91
C VAL A 117 8.61 2.10 10.19
N GLU A 118 8.81 0.78 10.18
CA GLU A 118 7.86 -0.10 9.52
C GLU A 118 6.48 0.02 10.13
N VAL A 119 6.40 0.03 11.46
CA VAL A 119 5.10 0.16 12.11
C VAL A 119 4.53 1.57 11.92
N ALA A 120 5.39 2.59 11.91
CA ALA A 120 4.90 3.93 11.62
C ALA A 120 4.31 4.00 10.20
N SER A 121 4.88 3.27 9.25
CA SER A 121 4.36 3.35 7.89
C SER A 121 3.07 2.53 7.71
N GLN A 122 2.91 1.45 8.48
CA GLN A 122 1.61 0.77 8.52
C GLN A 122 0.53 1.69 9.09
N LEU A 123 0.81 2.33 10.24
CA LEU A 123 -0.07 3.39 10.75
C LEU A 123 -0.37 4.43 9.68
N ALA A 124 0.65 4.85 8.94
CA ALA A 124 0.45 5.87 7.91
C ALA A 124 -0.51 5.39 6.81
N PHE A 125 -0.46 4.10 6.46
CA PHE A 125 -1.37 3.57 5.46
C PHE A 125 -2.84 3.68 5.89
N LEU A 126 -3.12 3.74 7.19
CA LEU A 126 -4.49 3.97 7.64
C LEU A 126 -5.01 5.33 7.20
N LEU A 127 -4.12 6.34 7.14
CA LEU A 127 -4.51 7.64 6.61
C LEU A 127 -4.94 7.53 5.16
N GLU A 128 -4.23 6.73 4.36
CA GLU A 128 -4.67 6.53 2.99
C GLU A 128 -6.06 5.91 2.96
N LEU A 129 -6.26 4.89 3.80
CA LEU A 129 -7.55 4.22 3.84
C LEU A 129 -8.61 5.14 4.39
N PHE A 130 -8.30 5.90 5.45
CA PHE A 130 -9.26 6.90 5.94
C PHE A 130 -9.64 7.88 4.84
N TYR A 131 -8.67 8.28 4.01
CA TYR A 131 -8.95 9.20 2.91
C TYR A 131 -9.82 8.51 1.86
N ARG A 132 -9.55 7.23 1.58
CA ARG A 132 -10.39 6.48 0.64
C ARG A 132 -11.82 6.37 1.15
N LEU A 133 -12.00 6.11 2.45
CA LEU A 133 -13.32 6.05 3.06
C LEU A 133 -14.04 7.40 2.95
N LYS A 134 -13.34 8.49 3.27
CA LYS A 134 -13.92 9.82 3.09
C LYS A 134 -14.46 9.99 1.67
N GLU A 135 -13.65 9.67 0.66
CA GLU A 135 -14.13 9.80 -0.72
C GLU A 135 -15.31 8.88 -1.00
N ILE A 136 -15.23 7.63 -0.55
CA ILE A 136 -16.33 6.70 -0.86
C ILE A 136 -17.60 7.10 -0.15
N GLN A 137 -17.47 7.77 1.00
CA GLN A 137 -18.66 8.17 1.77
C GLN A 137 -19.41 9.31 1.11
N GLU A 138 -18.70 10.32 0.62
CA GLU A 138 -19.39 11.45 0.01
C GLU A 138 -20.09 11.08 -1.29
N ARG A 139 -19.87 9.88 -1.82
CA ARG A 139 -20.55 9.42 -3.02
C ARG A 139 -21.69 8.44 -2.74
N ALA A 140 -21.61 7.69 -1.65
CA ALA A 140 -22.59 6.66 -1.37
C ALA A 140 -23.91 7.28 -0.94
N THR A 141 -25.00 6.67 -1.36
CA THR A 141 -26.33 7.18 -1.08
C THR A 141 -27.15 6.27 -0.17
N ASP A 142 -26.58 5.18 0.31
CA ASP A 142 -27.34 4.23 1.13
C ASP A 142 -27.13 4.55 2.61
N PRO A 143 -28.20 4.93 3.34
CA PRO A 143 -28.00 5.36 4.74
C PRO A 143 -27.67 4.23 5.69
N GLU A 144 -28.07 2.99 5.37
CA GLU A 144 -27.68 1.87 6.23
C GLU A 144 -26.20 1.58 6.11
N ILE A 145 -25.62 1.73 4.91
CA ILE A 145 -24.19 1.47 4.76
C ILE A 145 -23.38 2.50 5.54
N GLN A 146 -23.88 3.74 5.57
CA GLN A 146 -23.30 4.76 6.45
C GLN A 146 -23.31 4.31 7.91
N GLU A 147 -24.40 3.68 8.37
CA GLU A 147 -24.45 3.26 9.78
C GLU A 147 -23.52 2.09 10.05
N LEU A 148 -23.35 1.20 9.07
CA LEU A 148 -22.39 0.13 9.31
C LEU A 148 -20.98 0.64 9.32
N ALA A 149 -20.70 1.70 8.56
CA ALA A 149 -19.39 2.33 8.66
C ALA A 149 -19.06 2.75 10.08
N GLU A 150 -20.07 3.16 10.86
CA GLU A 150 -19.83 3.78 12.17
C GLU A 150 -19.53 2.73 13.23
N ARG A 151 -20.14 1.55 13.14
CA ARG A 151 -19.77 0.48 14.08
C ARG A 151 -18.39 -0.07 13.78
N VAL A 152 -17.95 -0.01 12.52
CA VAL A 152 -16.60 -0.44 12.17
C VAL A 152 -15.57 0.55 12.72
N LEU A 153 -15.80 1.85 12.48
CA LEU A 153 -14.90 2.89 13.00
C LEU A 153 -14.83 2.84 14.53
N ARG A 154 -15.92 2.46 15.19
CA ARG A 154 -15.89 2.30 16.64
C ARG A 154 -15.02 1.11 17.06
N LEU A 155 -14.96 0.07 16.25
CA LEU A 155 -14.03 -1.02 16.54
C LEU A 155 -12.59 -0.59 16.26
N ILE A 156 -12.38 0.17 15.20
CA ILE A 156 -11.05 0.68 14.91
C ILE A 156 -10.55 1.59 16.04
N LYS A 157 -11.45 2.40 16.61
CA LYS A 157 -11.08 3.26 17.72
C LYS A 157 -10.62 2.43 18.92
N LYS A 158 -11.31 1.32 19.19
CA LYS A 158 -10.86 0.39 20.22
C LYS A 158 -9.48 -0.16 19.91
N LEU A 159 -9.25 -0.58 18.67
CA LEU A 159 -7.94 -1.09 18.29
C LEU A 159 -6.87 -0.02 18.47
N LEU A 160 -7.19 1.22 18.12
CA LEU A 160 -6.19 2.29 18.21
C LEU A 160 -5.89 2.65 19.65
N LYS A 161 -6.90 2.60 20.52
CA LYS A 161 -6.67 2.84 21.94
C LYS A 161 -5.68 1.84 22.51
N ALA A 162 -5.87 0.55 22.22
CA ALA A 162 -4.96 -0.45 22.71
C ALA A 162 -3.56 -0.24 22.15
N ALA A 163 -3.45 0.14 20.87
CA ALA A 163 -2.14 0.44 20.31
C ALA A 163 -1.46 1.58 21.06
N GLU A 164 -2.24 2.63 21.41
CA GLU A 164 -1.68 3.80 22.09
C GLU A 164 -1.17 3.49 23.49
N GLU A 165 -1.55 2.35 24.07
CA GLU A 165 -1.08 1.96 25.39
C GLU A 165 0.01 0.90 25.35
N ALA A 166 0.36 0.37 24.19
CA ALA A 166 1.36 -0.66 24.08
C ALA A 166 2.75 -0.07 23.95
N GLY A 167 3.72 -0.69 24.63
CA GLY A 167 5.11 -0.28 24.52
C GLY A 167 5.86 -1.01 23.41
N ASP A 168 5.36 -2.18 23.05
CA ASP A 168 6.02 -3.05 22.10
C ASP A 168 5.56 -2.72 20.68
N PRO A 169 6.44 -2.31 19.77
CA PRO A 169 5.94 -1.97 18.43
C PRO A 169 5.30 -3.16 17.74
N ARG A 170 5.73 -4.38 18.07
CA ARG A 170 5.11 -5.59 17.54
C ARG A 170 3.67 -5.74 17.99
N LYS A 171 3.37 -5.34 19.23
CA LYS A 171 1.97 -5.31 19.66
C LYS A 171 1.20 -4.23 18.92
N ILE A 172 1.82 -3.08 18.67
CA ILE A 172 1.15 -2.05 17.87
C ILE A 172 0.85 -2.59 16.48
N HIS A 173 1.88 -3.14 15.82
CA HIS A 173 1.73 -3.74 14.50
C HIS A 173 0.50 -4.63 14.40
N LYS A 174 0.27 -5.48 15.39
CA LYS A 174 -0.85 -6.42 15.32
C LYS A 174 -2.18 -5.69 15.34
N LEU A 175 -2.32 -4.68 16.22
CA LEU A 175 -3.62 -4.02 16.33
C LEU A 175 -3.88 -3.15 15.12
N VAL A 176 -2.83 -2.54 14.57
CA VAL A 176 -2.96 -1.70 13.39
C VAL A 176 -3.29 -2.56 12.17
N PHE A 177 -2.69 -3.75 12.09
CA PHE A 177 -2.96 -4.64 10.98
C PHE A 177 -4.43 -5.04 10.95
N VAL A 178 -4.99 -5.37 12.12
CA VAL A 178 -6.43 -5.65 12.20
C VAL A 178 -7.22 -4.42 11.77
N ALA A 179 -6.74 -3.21 12.12
CA ALA A 179 -7.46 -1.99 11.73
C ALA A 179 -7.41 -1.78 10.23
N ILE A 180 -6.26 -2.04 9.61
CA ILE A 180 -6.12 -1.94 8.15
C ILE A 180 -7.09 -2.87 7.45
N VAL A 181 -7.11 -4.14 7.86
CA VAL A 181 -7.97 -5.11 7.20
C VAL A 181 -9.44 -4.80 7.44
N LEU A 182 -9.80 -4.35 8.64
CA LEU A 182 -11.15 -3.86 8.90
C LEU A 182 -11.55 -2.72 7.96
N LEU A 183 -10.65 -1.75 7.75
CA LEU A 183 -10.97 -0.65 6.84
C LEU A 183 -11.16 -1.15 5.42
N PHE A 184 -10.32 -2.08 4.99
CA PHE A 184 -10.50 -2.67 3.67
C PHE A 184 -11.84 -3.38 3.57
N LEU A 185 -12.27 -4.07 4.64
CA LEU A 185 -13.58 -4.70 4.63
C LEU A 185 -14.69 -3.66 4.44
N LEU A 186 -14.58 -2.53 5.13
CA LEU A 186 -15.58 -1.46 4.94
C LEU A 186 -15.61 -1.01 3.49
N GLN A 187 -14.44 -0.83 2.89
CA GLN A 187 -14.32 -0.56 1.46
C GLN A 187 -15.05 -1.60 0.63
N THR A 188 -14.88 -2.89 0.95
CA THR A 188 -15.60 -3.84 0.12
C THR A 188 -17.09 -3.84 0.43
N PHE A 189 -17.50 -3.32 1.59
CA PHE A 189 -18.92 -3.23 1.85
C PHE A 189 -19.56 -2.11 1.00
N TYR A 190 -18.92 -0.94 0.94
CA TYR A 190 -19.36 0.11 0.02
C TYR A 190 -19.39 -0.38 -1.42
N ARG A 191 -18.32 -1.05 -1.86
CA ARG A 191 -18.24 -1.54 -3.23
C ARG A 191 -19.35 -2.54 -3.54
N LEU A 192 -19.65 -3.43 -2.60
CA LEU A 192 -20.65 -4.43 -2.94
C LEU A 192 -22.05 -3.82 -2.97
N LYS A 193 -22.30 -2.81 -2.14
CA LYS A 193 -23.55 -2.07 -2.23
C LYS A 193 -23.65 -1.34 -3.56
N GLU A 194 -22.52 -0.80 -4.05
CA GLU A 194 -22.51 -0.14 -5.36
C GLU A 194 -22.85 -1.13 -6.47
N ILE A 195 -22.24 -2.31 -6.43
CA ILE A 195 -22.59 -3.39 -7.33
C ILE A 195 -24.08 -3.70 -7.21
N GLN A 196 -24.57 -3.80 -5.98
CA GLN A 196 -25.97 -4.09 -5.79
C GLN A 196 -26.85 -2.97 -6.32
N GLU A 197 -26.44 -1.70 -6.13
CA GLU A 197 -27.27 -0.61 -6.64
C GLU A 197 -27.35 -0.60 -8.17
N LYS A 198 -26.41 -1.25 -8.88
CA LYS A 198 -26.26 -1.03 -10.32
C LYS A 198 -26.23 -2.28 -11.19
N ALA A 199 -25.89 -3.46 -10.69
CA ALA A 199 -25.75 -4.62 -11.56
C ALA A 199 -27.11 -5.03 -12.14
N THR A 200 -27.16 -5.27 -13.45
CA THR A 200 -28.41 -5.67 -14.06
C THR A 200 -28.54 -7.17 -14.21
N ASP A 201 -27.44 -7.90 -14.12
CA ASP A 201 -27.48 -9.37 -14.07
C ASP A 201 -28.16 -9.85 -12.80
N PRO A 202 -29.34 -10.47 -12.87
CA PRO A 202 -30.06 -10.85 -11.63
C PRO A 202 -29.32 -11.84 -10.75
N GLU A 203 -28.40 -12.62 -11.31
CA GLU A 203 -27.62 -13.54 -10.50
C GLU A 203 -26.49 -12.84 -9.76
N ILE A 204 -25.94 -11.77 -10.35
CA ILE A 204 -25.03 -10.90 -9.59
C ILE A 204 -25.79 -10.26 -8.43
N GLN A 205 -27.00 -9.76 -8.68
CA GLN A 205 -27.82 -9.22 -7.60
C GLN A 205 -28.08 -10.28 -6.53
N ARG A 206 -28.40 -11.50 -6.93
CA ARG A 206 -28.68 -12.53 -5.94
C ARG A 206 -27.47 -12.78 -5.05
N LYS A 207 -26.29 -12.87 -5.66
CA LYS A 207 -25.09 -13.20 -4.91
C LYS A 207 -24.63 -12.00 -4.06
N ALA A 208 -24.76 -10.79 -4.60
CA ALA A 208 -24.43 -9.61 -3.82
C ALA A 208 -25.23 -9.59 -2.51
N GLN A 209 -26.54 -9.74 -2.61
CA GLN A 209 -27.37 -9.73 -1.41
C GLN A 209 -26.95 -10.84 -0.46
N GLU A 210 -26.61 -12.01 -1.02
CA GLU A 210 -26.19 -13.12 -0.17
C GLU A 210 -24.88 -12.80 0.53
N VAL A 211 -23.92 -12.18 -0.18
CA VAL A 211 -22.64 -11.86 0.43
C VAL A 211 -22.79 -10.75 1.48
N LEU A 212 -23.62 -9.72 1.18
CA LEU A 212 -23.80 -8.64 2.15
C LEU A 212 -24.41 -9.16 3.45
N GLU A 213 -25.40 -10.05 3.36
CA GLU A 213 -25.98 -10.62 4.57
C GLU A 213 -24.93 -11.38 5.37
N LYS A 214 -24.07 -12.15 4.70
CA LYS A 214 -23.04 -12.90 5.40
C LYS A 214 -21.97 -11.98 5.99
N ILE A 215 -21.55 -10.95 5.26
CA ILE A 215 -20.54 -10.03 5.78
C ILE A 215 -21.09 -9.27 6.99
N LYS A 216 -22.35 -8.82 6.95
CA LYS A 216 -22.92 -8.14 8.11
C LYS A 216 -22.80 -9.02 9.35
N ARG A 217 -23.17 -10.29 9.22
CA ARG A 217 -23.08 -11.21 10.35
C ARG A 217 -21.64 -11.37 10.83
N LEU A 218 -20.70 -11.48 9.87
CA LEU A 218 -19.30 -11.63 10.24
C LEU A 218 -18.77 -10.39 10.93
N LEU A 219 -19.29 -9.21 10.56
CA LEU A 219 -18.85 -7.97 11.19
C LEU A 219 -19.40 -7.85 12.60
N GLU A 220 -20.65 -8.27 12.81
CA GLU A 220 -21.22 -8.29 14.15
C GLU A 220 -20.44 -9.24 15.06
N ALA A 221 -20.06 -10.42 14.56
CA ALA A 221 -19.19 -11.31 15.33
C ALA A 221 -17.85 -10.65 15.66
N ALA A 222 -17.23 -9.97 14.68
CA ALA A 222 -15.95 -9.34 14.96
C ALA A 222 -16.12 -8.20 15.97
N GLU A 223 -17.27 -7.53 15.97
CA GLU A 223 -17.52 -6.47 16.92
C GLU A 223 -17.78 -6.98 18.33
N ARG A 224 -18.17 -8.24 18.48
CA ARG A 224 -18.38 -8.88 19.76
C ARG A 224 -17.24 -9.81 20.15
N ALA A 225 -16.11 -9.76 19.46
CA ALA A 225 -15.11 -10.82 19.61
C ALA A 225 -14.16 -10.59 20.77
N GLY A 226 -13.76 -9.34 21.01
CA GLY A 226 -12.82 -9.08 22.09
C GLY A 226 -11.40 -9.45 21.75
N ASP A 227 -11.20 -10.67 21.29
CA ASP A 227 -9.87 -11.12 20.87
C ASP A 227 -9.52 -10.54 19.50
N PRO A 228 -8.47 -9.71 19.39
CA PRO A 228 -8.04 -9.20 18.07
C PRO A 228 -7.78 -10.28 17.02
N ALA A 229 -7.24 -11.44 17.40
CA ALA A 229 -6.98 -12.46 16.40
C ALA A 229 -8.26 -13.10 15.90
N LYS A 230 -9.29 -13.13 16.74
CA LYS A 230 -10.61 -13.58 16.28
C LYS A 230 -11.26 -12.52 15.40
N ILE A 231 -11.11 -11.25 15.75
CA ILE A 231 -11.56 -10.19 14.85
C ILE A 231 -10.95 -10.40 13.46
N LEU A 232 -9.63 -10.56 13.40
CA LEU A 232 -8.95 -10.72 12.12
C LEU A 232 -9.45 -11.93 11.35
N LEU A 233 -9.69 -13.06 12.04
CA LEU A 233 -10.22 -14.24 11.37
C LEU A 233 -11.58 -13.98 10.73
N TYR A 234 -12.52 -13.39 11.48
CA TYR A 234 -13.83 -13.08 10.93
C TYR A 234 -13.72 -12.11 9.75
N VAL A 235 -12.88 -11.10 9.90
CA VAL A 235 -12.73 -10.11 8.82
C VAL A 235 -12.20 -10.78 7.56
N ILE A 236 -11.21 -11.65 7.69
CA ILE A 236 -10.65 -12.31 6.50
C ILE A 236 -11.69 -13.20 5.82
N ARG A 237 -12.47 -13.94 6.61
CA ARG A 237 -13.62 -14.69 6.08
C ARG A 237 -14.56 -13.79 5.28
N ALA A 238 -14.85 -12.61 5.82
CA ALA A 238 -15.74 -11.71 5.11
C ALA A 238 -15.13 -11.20 3.82
N LEU A 239 -13.83 -10.89 3.85
CA LEU A 239 -13.12 -10.39 2.67
C LEU A 239 -13.02 -11.44 1.58
N LEU A 240 -12.75 -12.69 1.97
CA LEU A 240 -12.72 -13.78 0.99
C LEU A 240 -14.08 -13.92 0.32
N LEU A 241 -15.15 -13.78 1.11
CA LEU A 241 -16.50 -13.88 0.56
C LEU A 241 -16.76 -12.75 -0.42
N ALA A 242 -16.46 -11.51 -0.02
CA ALA A 242 -16.70 -10.37 -0.89
C ALA A 242 -15.87 -10.47 -2.17
N MET A 243 -14.65 -10.97 -2.05
CA MET A 243 -13.78 -11.10 -3.22
C MET A 243 -14.34 -12.12 -4.22
N GLU A 244 -14.98 -13.18 -3.73
CA GLU A 244 -15.63 -14.12 -4.64
C GLU A 244 -16.66 -13.39 -5.50
N LEU A 245 -17.41 -12.46 -4.90
CA LEU A 245 -18.40 -11.70 -5.65
C LEU A 245 -17.75 -10.70 -6.60
N LYS A 246 -16.71 -10.00 -6.14
CA LYS A 246 -16.04 -9.00 -6.98
C LYS A 246 -15.40 -9.64 -8.21
N PHE A 247 -14.79 -10.81 -8.05
CA PHE A 247 -14.23 -11.52 -9.20
C PHE A 247 -15.33 -11.96 -10.17
N ALA A 248 -16.48 -12.39 -9.64
CA ALA A 248 -17.61 -12.75 -10.50
C ALA A 248 -18.12 -11.54 -11.29
N TYR A 249 -18.13 -10.35 -10.67
CA TYR A 249 -18.67 -9.18 -11.37
C TYR A 249 -17.71 -8.67 -12.45
N ARG A 250 -16.41 -8.74 -12.22
CA ARG A 250 -15.40 -8.58 -13.28
C ARG A 250 -14.00 -8.90 -12.76
N GLU B 26 -6.83 -16.52 -17.43
CA GLU B 26 -5.64 -16.54 -16.59
C GLU B 26 -5.93 -15.94 -15.21
N LEU B 27 -6.64 -14.81 -15.20
CA LEU B 27 -7.05 -14.22 -13.93
C LEU B 27 -7.95 -15.16 -13.14
N ASP B 28 -8.83 -15.90 -13.84
CA ASP B 28 -9.70 -16.82 -13.15
C ASP B 28 -8.92 -17.97 -12.53
N GLU B 29 -7.81 -18.37 -13.15
CA GLU B 29 -6.96 -19.42 -12.58
C GLU B 29 -6.12 -18.90 -11.42
N LEU B 30 -5.67 -17.64 -11.48
CA LEU B 30 -4.95 -17.08 -10.34
C LEU B 30 -5.87 -16.99 -9.12
N TRP B 31 -7.10 -16.52 -9.30
CA TRP B 31 -8.03 -16.41 -8.18
C TRP B 31 -8.31 -17.78 -7.57
N LYS B 32 -8.42 -18.81 -8.40
CA LYS B 32 -8.64 -20.15 -7.87
C LYS B 32 -7.49 -20.58 -6.98
N ARG B 33 -6.25 -20.29 -7.39
CA ARG B 33 -5.09 -20.64 -6.56
C ARG B 33 -5.05 -19.80 -5.28
N VAL B 34 -5.34 -18.49 -5.38
CA VAL B 34 -5.40 -17.66 -4.19
C VAL B 34 -6.45 -18.21 -3.24
N LYS B 35 -7.66 -18.46 -3.75
CA LYS B 35 -8.71 -19.03 -2.92
C LYS B 35 -8.24 -20.29 -2.21
N LYS B 36 -7.54 -21.18 -2.94
CA LYS B 36 -7.06 -22.43 -2.34
C LYS B 36 -6.07 -22.15 -1.21
N LEU B 37 -5.10 -21.26 -1.45
CA LEU B 37 -4.07 -20.97 -0.44
C LEU B 37 -4.67 -20.32 0.80
N VAL B 38 -5.58 -19.36 0.63
CA VAL B 38 -6.18 -18.70 1.78
C VAL B 38 -6.92 -19.72 2.66
N THR B 39 -7.77 -20.55 2.04
CA THR B 39 -8.55 -21.52 2.83
C THR B 39 -7.63 -22.48 3.58
N GLU B 40 -6.55 -22.92 2.96
CA GLU B 40 -5.53 -23.69 3.68
C GLU B 40 -4.97 -22.90 4.85
N LEU B 41 -4.71 -21.61 4.65
CA LEU B 41 -4.14 -20.81 5.72
C LEU B 41 -5.14 -20.59 6.84
N LEU B 42 -6.41 -20.34 6.51
CA LEU B 42 -7.42 -20.20 7.54
C LEU B 42 -7.56 -21.50 8.34
N GLU B 43 -7.53 -22.64 7.64
CA GLU B 43 -7.59 -23.93 8.32
C GLU B 43 -6.41 -24.11 9.28
N GLN B 44 -5.21 -23.66 8.89
CA GLN B 44 -4.08 -23.76 9.81
C GLN B 44 -4.22 -22.79 10.97
N ALA B 45 -4.63 -21.56 10.68
CA ALA B 45 -4.92 -20.59 11.72
C ALA B 45 -5.91 -21.14 12.72
N GLU B 46 -6.92 -21.89 12.23
CA GLU B 46 -7.88 -22.50 13.14
C GLU B 46 -7.23 -23.60 13.95
N ARG B 47 -6.38 -24.42 13.31
CA ARG B 47 -5.72 -25.55 13.96
C ARG B 47 -4.55 -25.14 14.83
N ALA B 48 -4.01 -23.94 14.63
CA ALA B 48 -2.92 -23.48 15.47
C ALA B 48 -3.45 -23.07 16.83
N GLY B 49 -2.58 -23.18 17.84
CA GLY B 49 -2.97 -22.85 19.20
C GLY B 49 -2.31 -21.60 19.75
N ASP B 50 -1.06 -21.35 19.36
CA ASP B 50 -0.31 -20.17 19.83
C ASP B 50 -0.84 -18.91 19.16
N PRO B 51 -1.23 -17.89 19.94
CA PRO B 51 -1.75 -16.66 19.33
C PRO B 51 -0.78 -15.97 18.37
N GLU B 52 0.53 -16.11 18.58
CA GLU B 52 1.48 -15.47 17.68
C GLU B 52 1.53 -16.19 16.33
N GLU B 53 1.43 -17.53 16.33
CA GLU B 53 1.40 -18.23 15.06
C GLU B 53 0.07 -18.02 14.34
N ILE B 54 -1.02 -17.98 15.09
CA ILE B 54 -2.32 -17.69 14.51
C ILE B 54 -2.26 -16.37 13.75
N PHE B 55 -1.76 -15.33 14.41
CA PHE B 55 -1.74 -14.03 13.78
C PHE B 55 -0.83 -14.02 12.57
N LYS B 56 0.32 -14.69 12.65
CA LYS B 56 1.21 -14.77 11.50
C LYS B 56 0.54 -15.48 10.33
N LEU B 57 -0.26 -16.51 10.61
CA LEU B 57 -0.97 -17.22 9.53
C LEU B 57 -2.06 -16.34 8.94
N LEU B 58 -2.81 -15.62 9.78
CA LEU B 58 -3.84 -14.73 9.22
C LEU B 58 -3.23 -13.58 8.45
N GLU B 59 -2.06 -13.09 8.85
CA GLU B 59 -1.38 -12.04 8.08
C GLU B 59 -1.09 -12.53 6.68
N VAL B 60 -0.73 -13.81 6.53
CA VAL B 60 -0.48 -14.35 5.20
C VAL B 60 -1.77 -14.46 4.41
N ALA B 61 -2.83 -14.98 5.03
CA ALA B 61 -4.14 -15.03 4.37
C ALA B 61 -4.57 -13.64 3.89
N ALA B 62 -4.52 -12.65 4.77
CA ALA B 62 -4.93 -11.30 4.40
C ALA B 62 -4.11 -10.79 3.22
N ALA B 63 -2.79 -11.02 3.26
CA ALA B 63 -1.94 -10.58 2.16
C ALA B 63 -2.37 -11.23 0.85
N LEU B 64 -2.83 -12.49 0.89
CA LEU B 64 -3.35 -13.15 -0.31
C LEU B 64 -4.62 -12.47 -0.79
N VAL B 65 -5.50 -12.08 0.14
CA VAL B 65 -6.71 -11.39 -0.28
C VAL B 65 -6.35 -10.05 -0.92
N PHE B 66 -5.37 -9.34 -0.34
CA PHE B 66 -4.89 -8.10 -0.95
C PHE B 66 -4.42 -8.33 -2.38
N LEU B 67 -3.84 -9.50 -2.64
CA LEU B 67 -3.31 -9.83 -3.94
C LEU B 67 -4.43 -10.06 -4.96
N ALA B 68 -5.51 -10.72 -4.55
CA ALA B 68 -6.69 -10.82 -5.41
C ALA B 68 -7.27 -9.45 -5.73
N GLU B 69 -7.33 -8.57 -4.74
CA GLU B 69 -7.84 -7.21 -4.99
C GLU B 69 -6.99 -6.50 -6.03
N MET B 70 -5.66 -6.68 -5.98
CA MET B 70 -4.79 -6.07 -6.97
C MET B 70 -5.05 -6.61 -8.36
N PHE B 71 -5.39 -7.90 -8.47
CA PHE B 71 -5.79 -8.50 -9.74
C PHE B 71 -6.96 -7.76 -10.39
N LEU B 72 -7.88 -7.24 -9.58
CA LEU B 72 -9.04 -6.58 -10.14
C LEU B 72 -8.68 -5.29 -10.89
N ARG B 73 -7.47 -4.75 -10.70
CA ARG B 73 -7.01 -3.59 -11.46
C ARG B 73 -6.56 -3.94 -12.87
N LEU B 74 -6.50 -5.23 -13.20
CA LEU B 74 -5.89 -5.63 -14.46
C LEU B 74 -6.77 -5.29 -15.66
N ALA B 75 -8.10 -5.25 -15.48
CA ALA B 75 -8.97 -4.98 -16.61
C ALA B 75 -8.82 -3.53 -17.09
N ALA B 76 -8.66 -2.59 -16.16
CA ALA B 76 -8.38 -1.23 -16.58
C ALA B 76 -7.00 -1.11 -17.22
N ILE B 77 -6.02 -1.86 -16.71
CA ILE B 77 -4.67 -1.83 -17.26
C ILE B 77 -4.67 -2.36 -18.69
N GLN B 78 -5.49 -3.37 -18.98
CA GLN B 78 -5.55 -3.99 -20.29
C GLN B 78 -6.45 -3.24 -21.26
N GLU B 79 -6.99 -2.09 -20.85
CA GLU B 79 -7.79 -1.27 -21.76
C GLU B 79 -6.92 -0.71 -22.88
N LYS B 80 -7.59 -0.31 -23.97
CA LYS B 80 -6.87 0.09 -25.18
C LYS B 80 -6.15 1.43 -24.98
N ALA B 81 -6.64 2.29 -24.09
CA ALA B 81 -6.01 3.58 -23.84
C ALA B 81 -4.71 3.45 -23.07
N THR B 82 -4.53 2.39 -22.30
CA THR B 82 -3.37 2.29 -21.43
C THR B 82 -2.09 2.14 -22.25
N ASP B 83 -1.03 2.77 -21.77
CA ASP B 83 0.32 2.61 -22.31
C ASP B 83 0.66 1.12 -22.45
N PRO B 84 1.04 0.67 -23.66
CA PRO B 84 1.45 -0.74 -23.79
C PRO B 84 2.67 -1.10 -22.96
N GLU B 85 3.57 -0.15 -22.69
CA GLU B 85 4.67 -0.45 -21.78
C GLU B 85 4.15 -0.85 -20.41
N ILE B 86 3.08 -0.19 -19.94
CA ILE B 86 2.45 -0.57 -18.68
C ILE B 86 1.86 -1.97 -18.80
N GLN B 87 1.21 -2.26 -19.92
CA GLN B 87 0.55 -3.56 -20.07
C GLN B 87 1.56 -4.70 -20.07
N GLU B 88 2.69 -4.51 -20.77
CA GLU B 88 3.72 -5.55 -20.80
C GLU B 88 4.30 -5.78 -19.41
N LEU B 89 4.52 -4.71 -18.66
CA LEU B 89 5.06 -4.84 -17.31
C LEU B 89 4.08 -5.57 -16.40
N ALA B 90 2.79 -5.26 -16.53
CA ALA B 90 1.78 -5.87 -15.68
C ALA B 90 1.72 -7.37 -15.92
N GLU B 91 1.97 -7.81 -17.15
CA GLU B 91 1.96 -9.23 -17.44
C GLU B 91 3.22 -9.92 -16.92
N ARG B 92 4.35 -9.19 -16.86
CA ARG B 92 5.52 -9.72 -16.17
C ARG B 92 5.28 -9.86 -14.68
N VAL B 93 4.57 -8.89 -14.07
CA VAL B 93 4.25 -8.98 -12.65
C VAL B 93 3.36 -10.18 -12.38
N LEU B 94 2.35 -10.37 -13.21
CA LEU B 94 1.47 -11.51 -12.99
C LEU B 94 2.21 -12.83 -13.15
N ARG B 95 3.21 -12.87 -14.04
CA ARG B 95 4.02 -14.08 -14.19
C ARG B 95 4.86 -14.33 -12.95
N LEU B 96 5.48 -13.28 -12.42
CA LEU B 96 6.19 -13.43 -11.15
C LEU B 96 5.26 -13.92 -10.05
N ILE B 97 4.07 -13.31 -9.94
CA ILE B 97 3.14 -13.66 -8.86
C ILE B 97 2.73 -15.12 -8.98
N LYS B 98 2.33 -15.55 -10.18
CA LYS B 98 1.96 -16.94 -10.39
C LYS B 98 3.07 -17.88 -9.94
N ARG B 99 4.31 -17.55 -10.27
CA ARG B 99 5.41 -18.43 -9.88
C ARG B 99 5.52 -18.52 -8.36
N LEU B 100 5.36 -17.39 -7.67
CA LEU B 100 5.44 -17.40 -6.22
C LEU B 100 4.29 -18.17 -5.60
N LEU B 101 3.08 -18.04 -6.16
CA LEU B 101 1.94 -18.78 -5.62
C LEU B 101 2.10 -20.29 -5.82
N GLU B 102 2.61 -20.71 -6.98
CA GLU B 102 2.89 -22.13 -7.20
C GLU B 102 3.92 -22.63 -6.20
N GLU B 103 4.97 -21.84 -5.95
CA GLU B 103 5.96 -22.20 -4.94
C GLU B 103 5.36 -22.22 -3.54
N ALA B 104 4.53 -21.22 -3.20
CA ALA B 104 3.90 -21.23 -1.89
C ALA B 104 3.02 -22.46 -1.73
N GLU B 105 2.34 -22.88 -2.80
CA GLU B 105 1.51 -24.07 -2.72
C GLU B 105 2.34 -25.34 -2.58
N ARG B 106 3.60 -25.33 -3.04
CA ARG B 106 4.46 -26.50 -2.96
C ARG B 106 5.22 -26.60 -1.64
N ALA B 107 5.70 -25.47 -1.12
CA ALA B 107 6.46 -25.47 0.12
C ALA B 107 5.63 -26.01 1.28
N GLY B 108 6.32 -26.45 2.33
CA GLY B 108 5.62 -26.95 3.51
C GLY B 108 5.93 -26.09 4.72
N ASP B 109 7.06 -25.41 4.66
CA ASP B 109 7.50 -24.56 5.76
C ASP B 109 6.60 -23.33 5.84
N PRO B 110 5.96 -23.05 6.99
CA PRO B 110 5.17 -21.81 7.11
C PRO B 110 6.00 -20.56 6.88
N ARG B 111 7.23 -20.53 7.39
CA ARG B 111 8.07 -19.35 7.20
C ARG B 111 8.37 -19.11 5.73
N ARG B 112 8.63 -20.19 4.97
CA ARG B 112 8.88 -20.03 3.53
C ARG B 112 7.62 -19.56 2.81
N ILE B 113 6.46 -20.07 3.20
CA ILE B 113 5.21 -19.61 2.60
C ILE B 113 4.98 -18.13 2.89
N ARG B 114 5.33 -17.67 4.09
CA ARG B 114 5.10 -16.27 4.47
C ARG B 114 6.00 -15.34 3.67
N GLU B 115 7.25 -15.73 3.45
CA GLU B 115 8.15 -14.91 2.63
C GLU B 115 7.72 -14.89 1.17
N LEU B 116 7.30 -16.04 0.63
CA LEU B 116 6.86 -16.11 -0.76
C LEU B 116 5.58 -15.31 -0.98
N VAL B 117 4.65 -15.40 -0.03
CA VAL B 117 3.40 -14.66 -0.18
C VAL B 117 3.68 -13.18 -0.07
N GLU B 118 4.54 -12.78 0.88
CA GLU B 118 4.84 -11.36 1.08
C GLU B 118 5.43 -10.75 -0.19
N VAL B 119 6.33 -11.45 -0.85
CA VAL B 119 6.93 -10.87 -2.06
C VAL B 119 5.91 -10.83 -3.19
N ALA B 120 5.06 -11.84 -3.28
CA ALA B 120 3.98 -11.78 -4.27
C ALA B 120 3.10 -10.57 -4.02
N SER B 121 2.85 -10.24 -2.76
CA SER B 121 1.97 -9.11 -2.43
C SER B 121 2.65 -7.76 -2.70
N GLN B 122 3.97 -7.67 -2.53
CA GLN B 122 4.67 -6.48 -2.97
C GLN B 122 4.61 -6.34 -4.49
N LEU B 123 4.79 -7.46 -5.21
CA LEU B 123 4.53 -7.48 -6.64
C LEU B 123 3.12 -7.00 -6.95
N ALA B 124 2.14 -7.53 -6.22
CA ALA B 124 0.75 -7.16 -6.47
C ALA B 124 0.53 -5.66 -6.34
N PHE B 125 1.25 -5.01 -5.42
CA PHE B 125 1.14 -3.57 -5.22
C PHE B 125 1.54 -2.78 -6.48
N LEU B 126 2.50 -3.29 -7.26
CA LEU B 126 2.85 -2.67 -8.54
C LEU B 126 1.63 -2.50 -9.43
N LEU B 127 0.70 -3.45 -9.38
CA LEU B 127 -0.52 -3.33 -10.18
C LEU B 127 -1.34 -2.12 -9.75
N GLU B 128 -1.41 -1.84 -8.44
CA GLU B 128 -2.04 -0.62 -7.98
C GLU B 128 -1.30 0.61 -8.51
N LEU B 129 0.03 0.59 -8.46
CA LEU B 129 0.81 1.71 -8.95
C LEU B 129 0.75 1.83 -10.47
N PHE B 130 0.61 0.70 -11.18
CA PHE B 130 0.45 0.77 -12.62
C PHE B 130 -0.92 1.33 -12.99
N TYR B 131 -1.95 0.96 -12.23
CA TYR B 131 -3.27 1.55 -12.45
C TYR B 131 -3.22 3.05 -12.25
N ARG B 132 -2.63 3.49 -11.14
CA ARG B 132 -2.57 4.92 -10.84
C ARG B 132 -1.77 5.67 -11.89
N LEU B 133 -0.63 5.10 -12.34
CA LEU B 133 0.12 5.71 -13.43
C LEU B 133 -0.74 5.85 -14.68
N LYS B 134 -1.50 4.81 -15.02
CA LYS B 134 -2.43 4.89 -16.15
C LYS B 134 -3.34 6.11 -16.02
N GLU B 135 -3.97 6.28 -14.85
CA GLU B 135 -4.91 7.37 -14.65
C GLU B 135 -4.24 8.74 -14.79
N ILE B 136 -3.09 8.91 -14.13
CA ILE B 136 -2.36 10.17 -14.25
C ILE B 136 -1.93 10.43 -15.68
N GLN B 137 -1.52 9.38 -16.40
CA GLN B 137 -1.07 9.53 -17.77
C GLN B 137 -2.20 9.92 -18.71
N GLU B 138 -3.45 9.69 -18.30
CA GLU B 138 -4.58 10.12 -19.11
C GLU B 138 -4.70 11.64 -19.12
N ARG B 139 -4.27 12.30 -18.05
CA ARG B 139 -4.23 13.75 -17.96
C ARG B 139 -2.77 14.20 -17.89
N ALA B 140 -2.09 14.14 -19.02
CA ALA B 140 -0.66 14.47 -19.12
C ALA B 140 -0.49 15.62 -20.12
N THR B 141 -0.72 16.85 -19.64
CA THR B 141 -0.59 18.03 -20.48
C THR B 141 0.86 18.40 -20.75
N ASP B 142 1.81 17.85 -19.98
CA ASP B 142 3.21 18.11 -20.27
C ASP B 142 3.74 16.95 -21.10
N PRO B 143 3.89 17.14 -22.41
CA PRO B 143 4.22 16.00 -23.28
C PRO B 143 5.62 15.45 -23.07
N GLU B 144 6.55 16.28 -22.59
CA GLU B 144 7.93 15.84 -22.41
C GLU B 144 8.04 14.67 -21.43
N ILE B 145 7.07 14.55 -20.53
CA ILE B 145 7.07 13.47 -19.55
C ILE B 145 7.14 12.11 -20.25
N GLN B 146 6.43 11.97 -21.37
CA GLN B 146 6.23 10.66 -21.99
C GLN B 146 7.55 10.01 -22.38
N GLU B 147 8.45 10.77 -22.99
CA GLU B 147 9.77 10.23 -23.29
C GLU B 147 10.53 9.88 -22.02
N LEU B 148 10.38 10.71 -20.98
CA LEU B 148 11.03 10.41 -19.71
C LEU B 148 10.41 9.18 -19.05
N ALA B 149 9.07 9.11 -19.03
CA ALA B 149 8.40 7.99 -18.39
C ALA B 149 8.77 6.67 -19.07
N GLU B 150 8.87 6.67 -20.41
CA GLU B 150 9.28 5.46 -21.12
C GLU B 150 10.66 5.00 -20.66
N ARG B 151 11.53 5.94 -20.31
CA ARG B 151 12.85 5.58 -19.78
C ARG B 151 12.74 4.95 -18.40
N VAL B 152 11.87 5.49 -17.56
CA VAL B 152 11.59 4.84 -16.27
C VAL B 152 11.02 3.44 -16.50
N LEU B 153 9.97 3.35 -17.31
CA LEU B 153 9.36 2.05 -17.57
C LEU B 153 10.37 1.05 -18.12
N ARG B 154 11.29 1.51 -18.97
CA ARG B 154 12.33 0.60 -19.45
C ARG B 154 13.30 0.25 -18.33
N LEU B 155 13.48 1.15 -17.36
CA LEU B 155 14.25 0.82 -16.17
C LEU B 155 13.49 -0.20 -15.32
N ILE B 156 12.20 0.02 -15.14
CA ILE B 156 11.35 -0.93 -14.42
C ILE B 156 11.30 -2.28 -15.14
N LYS B 157 11.29 -2.28 -16.48
CA LYS B 157 11.34 -3.56 -17.20
C LYS B 157 12.63 -4.30 -16.90
N LYS B 158 13.77 -3.60 -16.94
CA LYS B 158 15.04 -4.25 -16.61
C LYS B 158 15.01 -4.84 -15.22
N LEU B 159 14.47 -4.10 -14.24
CA LEU B 159 14.30 -4.64 -12.91
C LEU B 159 13.40 -5.86 -12.93
N LEU B 160 12.23 -5.76 -13.57
CA LEU B 160 11.31 -6.88 -13.56
C LEU B 160 11.86 -8.06 -14.37
N LYS B 161 12.56 -7.81 -15.48
CA LYS B 161 13.23 -8.89 -16.20
C LYS B 161 14.25 -9.59 -15.30
N ALA B 162 15.08 -8.82 -14.59
CA ALA B 162 16.03 -9.43 -13.68
C ALA B 162 15.34 -10.11 -12.48
N ALA B 163 14.16 -9.63 -12.08
CA ALA B 163 13.43 -10.32 -11.01
C ALA B 163 12.98 -11.69 -11.47
N GLU B 164 12.53 -11.79 -12.73
CA GLU B 164 12.07 -13.08 -13.23
C GLU B 164 13.20 -14.10 -13.32
N GLU B 165 14.43 -13.64 -13.49
CA GLU B 165 15.59 -14.52 -13.53
C GLU B 165 16.26 -14.68 -12.17
N ALA B 166 15.70 -14.07 -11.12
CA ALA B 166 16.41 -14.03 -9.84
C ALA B 166 16.35 -15.37 -9.12
N GLY B 167 15.16 -15.96 -9.02
CA GLY B 167 15.04 -17.17 -8.19
C GLY B 167 14.99 -16.95 -6.68
N ASP B 168 15.98 -16.26 -6.13
CA ASP B 168 15.96 -15.90 -4.70
C ASP B 168 14.78 -14.99 -4.42
N PRO B 169 13.81 -15.42 -3.62
CA PRO B 169 12.70 -14.51 -3.25
C PRO B 169 13.18 -13.23 -2.58
N ARG B 170 14.30 -13.27 -1.85
CA ARG B 170 14.82 -12.05 -1.24
C ARG B 170 15.43 -11.13 -2.29
N LYS B 171 15.90 -11.68 -3.42
CA LYS B 171 16.41 -10.80 -4.45
C LYS B 171 15.29 -10.26 -5.33
N ILE B 172 14.24 -11.06 -5.52
CA ILE B 172 13.04 -10.54 -6.16
C ILE B 172 12.49 -9.38 -5.35
N HIS B 173 12.45 -9.53 -4.03
CA HIS B 173 11.94 -8.48 -3.15
C HIS B 173 12.71 -7.18 -3.32
N LYS B 174 14.04 -7.26 -3.49
CA LYS B 174 14.83 -6.05 -3.62
C LYS B 174 14.54 -5.37 -4.96
N LEU B 175 14.58 -6.14 -6.05
CA LEU B 175 14.30 -5.59 -7.37
C LEU B 175 12.89 -5.03 -7.42
N VAL B 176 11.92 -5.71 -6.81
CA VAL B 176 10.55 -5.24 -6.82
C VAL B 176 10.44 -3.98 -6.00
N PHE B 177 11.21 -3.88 -4.93
CA PHE B 177 11.13 -2.69 -4.08
C PHE B 177 11.59 -1.45 -4.82
N VAL B 178 12.69 -1.56 -5.57
CA VAL B 178 13.15 -0.42 -6.36
C VAL B 178 12.11 -0.07 -7.42
N ALA B 179 11.54 -1.08 -8.09
CA ALA B 179 10.51 -0.81 -9.08
C ALA B 179 9.32 -0.07 -8.47
N ILE B 180 8.90 -0.47 -7.28
CA ILE B 180 7.79 0.22 -6.59
C ILE B 180 8.12 1.69 -6.37
N VAL B 181 9.31 1.97 -5.82
CA VAL B 181 9.67 3.34 -5.49
C VAL B 181 9.90 4.14 -6.77
N LEU B 182 10.45 3.49 -7.81
CA LEU B 182 10.61 4.10 -9.12
C LEU B 182 9.26 4.54 -9.66
N LEU B 183 8.29 3.62 -9.66
CA LEU B 183 6.93 3.95 -10.07
C LEU B 183 6.34 5.04 -9.19
N PHE B 184 6.62 5.00 -7.89
CA PHE B 184 6.14 6.09 -7.06
C PHE B 184 6.80 7.42 -7.47
N LEU B 185 8.09 7.40 -7.78
CA LEU B 185 8.74 8.61 -8.23
C LEU B 185 8.12 9.09 -9.55
N LEU B 186 7.85 8.17 -10.47
CA LEU B 186 7.30 8.54 -11.77
C LEU B 186 5.89 9.11 -11.63
N GLN B 187 5.10 8.54 -10.72
CA GLN B 187 3.82 9.13 -10.36
C GLN B 187 4.00 10.54 -9.80
N THR B 188 4.97 10.71 -8.92
CA THR B 188 5.22 12.03 -8.36
C THR B 188 5.75 12.99 -9.41
N PHE B 189 6.56 12.49 -10.35
CA PHE B 189 7.00 13.30 -11.46
C PHE B 189 5.82 13.94 -12.18
N TYR B 190 4.68 13.25 -12.23
CA TYR B 190 3.51 13.75 -12.94
C TYR B 190 2.78 14.83 -12.16
N ARG B 191 2.58 14.63 -10.84
CA ARG B 191 1.81 15.63 -10.12
C ARG B 191 2.62 16.91 -9.87
N LEU B 192 3.93 16.86 -10.03
CA LEU B 192 4.70 18.11 -10.05
C LEU B 192 4.35 18.92 -11.29
N LYS B 193 4.25 18.28 -12.46
CA LYS B 193 3.84 18.97 -13.67
C LYS B 193 2.47 19.62 -13.51
N GLU B 194 1.57 18.96 -12.78
CA GLU B 194 0.28 19.56 -12.46
C GLU B 194 0.45 20.79 -11.57
N ILE B 195 1.31 20.70 -10.55
CA ILE B 195 1.58 21.85 -9.69
C ILE B 195 2.24 22.97 -10.49
N GLN B 196 3.11 22.61 -11.44
CA GLN B 196 3.78 23.60 -12.28
C GLN B 196 2.77 24.43 -13.09
N GLU B 197 1.99 23.75 -13.93
CA GLU B 197 1.09 24.45 -14.85
C GLU B 197 -0.03 25.18 -14.13
N LYS B 198 -0.40 24.75 -12.92
CA LYS B 198 -1.60 25.28 -12.28
C LYS B 198 -1.31 25.95 -10.95
N ALA B 199 -0.11 26.52 -10.79
CA ALA B 199 0.24 27.28 -9.60
C ALA B 199 0.12 28.78 -9.87
N THR B 200 -0.33 29.53 -8.87
CA THR B 200 -0.39 30.98 -9.00
C THR B 200 0.96 31.62 -8.68
N ASP B 201 1.56 31.26 -7.54
CA ASP B 201 2.80 31.87 -7.10
C ASP B 201 3.91 31.58 -8.11
N PRO B 202 4.50 32.60 -8.73
CA PRO B 202 5.53 32.34 -9.75
C PRO B 202 6.78 31.70 -9.18
N GLU B 203 7.04 31.83 -7.88
CA GLU B 203 8.16 31.13 -7.27
C GLU B 203 7.83 29.66 -7.03
N ILE B 204 6.63 29.37 -6.51
CA ILE B 204 6.24 27.99 -6.33
C ILE B 204 6.12 27.28 -7.67
N GLN B 205 5.68 27.98 -8.71
CA GLN B 205 5.57 27.40 -10.04
C GLN B 205 6.92 27.25 -10.72
N ARG B 206 7.92 28.02 -10.31
CA ARG B 206 9.27 27.86 -10.84
C ARG B 206 10.09 26.84 -10.06
N LYS B 207 9.81 26.65 -8.76
CA LYS B 207 10.43 25.55 -8.03
C LYS B 207 10.01 24.21 -8.60
N ALA B 208 8.71 24.03 -8.88
CA ALA B 208 8.23 22.81 -9.50
C ALA B 208 8.99 22.50 -10.78
N GLN B 209 9.25 23.52 -11.60
CA GLN B 209 9.99 23.30 -12.84
C GLN B 209 11.47 23.00 -12.56
N GLU B 210 12.03 23.59 -11.50
CA GLU B 210 13.41 23.28 -11.14
C GLU B 210 13.53 21.91 -10.50
N VAL B 211 12.64 21.56 -9.57
CA VAL B 211 12.63 20.21 -9.02
C VAL B 211 12.57 19.19 -10.15
N LEU B 212 11.69 19.42 -11.13
CA LEU B 212 11.54 18.47 -12.22
C LEU B 212 12.82 18.27 -13.01
N GLU B 213 13.68 19.30 -13.08
CA GLU B 213 14.94 19.16 -13.82
C GLU B 213 15.96 18.35 -13.04
N LYS B 214 16.04 18.54 -11.72
CA LYS B 214 16.89 17.69 -10.90
C LYS B 214 16.43 16.24 -10.96
N ILE B 215 15.12 16.02 -10.99
CA ILE B 215 14.62 14.65 -11.03
C ILE B 215 15.01 13.99 -12.35
N LYS B 216 15.04 14.76 -13.43
CA LYS B 216 15.49 14.21 -14.71
C LYS B 216 16.95 13.76 -14.62
N ARG B 217 17.81 14.59 -14.05
CA ARG B 217 19.21 14.21 -13.87
C ARG B 217 19.39 13.02 -12.93
N LEU B 218 18.55 12.91 -11.89
CA LEU B 218 18.63 11.74 -11.01
C LEU B 218 18.13 10.49 -11.72
N LEU B 219 17.06 10.61 -12.50
CA LEU B 219 16.60 9.48 -13.30
C LEU B 219 17.64 9.06 -14.33
N GLU B 220 18.33 10.03 -14.94
CA GLU B 220 19.37 9.70 -15.91
C GLU B 220 20.51 8.93 -15.25
N ALA B 221 20.91 9.36 -14.05
CA ALA B 221 21.87 8.59 -13.29
C ALA B 221 21.35 7.20 -12.94
N ALA B 222 20.05 7.06 -12.71
CA ALA B 222 19.52 5.74 -12.37
C ALA B 222 19.55 4.80 -13.57
N GLU B 223 19.40 5.34 -14.78
CA GLU B 223 19.31 4.51 -15.97
C GLU B 223 20.67 3.92 -16.37
N ARG B 224 21.76 4.49 -15.89
CA ARG B 224 23.09 4.01 -16.19
C ARG B 224 23.73 3.28 -15.01
N ALA B 225 23.01 3.14 -13.90
CA ALA B 225 23.59 2.55 -12.70
C ALA B 225 23.61 1.04 -12.82
N GLY B 226 24.63 0.43 -12.24
CA GLY B 226 24.87 -0.98 -12.39
C GLY B 226 24.15 -1.86 -11.39
N ASP B 227 23.85 -1.32 -10.22
CA ASP B 227 23.23 -2.13 -9.19
C ASP B 227 21.95 -1.48 -8.67
N PRO B 228 21.00 -2.27 -8.19
CA PRO B 228 19.75 -1.69 -7.70
C PRO B 228 19.92 -0.79 -6.49
N ALA B 229 20.92 -1.06 -5.65
CA ALA B 229 21.13 -0.21 -4.47
C ALA B 229 21.44 1.22 -4.87
N LYS B 230 22.17 1.41 -5.98
CA LYS B 230 22.50 2.77 -6.40
C LYS B 230 21.30 3.45 -7.04
N ILE B 231 20.55 2.69 -7.84
CA ILE B 231 19.28 3.18 -8.38
C ILE B 231 18.38 3.66 -7.26
N LEU B 232 18.17 2.82 -6.24
CA LEU B 232 17.28 3.20 -5.14
C LEU B 232 17.71 4.52 -4.51
N LEU B 233 19.02 4.70 -4.30
CA LEU B 233 19.51 5.92 -3.65
C LEU B 233 19.20 7.16 -4.47
N TYR B 234 19.37 7.10 -5.79
CA TYR B 234 19.02 8.23 -6.62
C TYR B 234 17.51 8.47 -6.58
N VAL B 235 16.71 7.40 -6.62
CA VAL B 235 15.26 7.59 -6.61
C VAL B 235 14.79 8.20 -5.28
N ILE B 236 15.39 7.81 -4.16
CA ILE B 236 15.01 8.40 -2.87
C ILE B 236 15.43 9.87 -2.80
N ARG B 237 16.60 10.21 -3.33
CA ARG B 237 16.98 11.61 -3.43
C ARG B 237 15.96 12.41 -4.21
N ALA B 238 15.47 11.85 -5.32
CA ALA B 238 14.51 12.58 -6.15
C ALA B 238 13.15 12.70 -5.48
N LEU B 239 12.70 11.63 -4.81
CA LEU B 239 11.44 11.68 -4.06
C LEU B 239 11.50 12.72 -2.96
N LEU B 240 12.60 12.74 -2.22
CA LEU B 240 12.80 13.75 -1.19
C LEU B 240 12.67 15.15 -1.77
N LEU B 241 13.28 15.38 -2.93
CA LEU B 241 13.17 16.68 -3.59
C LEU B 241 11.71 16.98 -3.96
N ALA B 242 10.99 16.00 -4.51
CA ALA B 242 9.60 16.25 -4.86
C ALA B 242 8.74 16.45 -3.64
N MET B 243 8.99 15.67 -2.58
CA MET B 243 8.22 15.79 -1.35
C MET B 243 8.43 17.15 -0.70
N GLU B 244 9.67 17.66 -0.71
CA GLU B 244 9.90 19.02 -0.22
C GLU B 244 9.05 20.03 -0.96
N LEU B 245 8.90 19.87 -2.28
CA LEU B 245 8.04 20.76 -3.04
C LEU B 245 6.58 20.59 -2.61
N LYS B 246 6.12 19.34 -2.45
CA LYS B 246 4.73 19.09 -2.11
C LYS B 246 4.38 19.70 -0.76
N PHE B 247 5.28 19.61 0.21
CA PHE B 247 5.04 20.23 1.50
C PHE B 247 5.19 21.75 1.47
N ALA B 248 5.77 22.31 0.40
CA ALA B 248 5.83 23.76 0.27
C ALA B 248 4.45 24.34 -0.02
N TYR B 249 3.61 23.64 -0.76
CA TYR B 249 2.24 24.06 -1.00
C TYR B 249 1.26 23.04 -0.43
#